data_6PLI
#
_entry.id   6PLI
#
_cell.length_a   117.745
_cell.length_b   64.286
_cell.length_c   74.444
_cell.angle_alpha   90.000
_cell.angle_beta   125.907
_cell.angle_gamma   90.000
#
_symmetry.space_group_name_H-M   'C 1 2 1'
#
loop_
_entity.id
_entity.type
_entity.pdbx_description
1 polymer 'Thiol:disulfide interchange protein DsbA'
2 non-polymer 2-[4-(4-cyano-3-methylphenoxy)phenyl]-N-methyl-N-[2-(5-methyl-1,2,4-oxadiazol-3-yl)ethyl]acetamide
3 non-polymer 'COPPER (II) ION'
4 water water
#
_entity_poly.entity_id   1
_entity_poly.type   'polypeptide(L)'
_entity_poly.pdbx_seq_one_letter_code
;AQYEDGKQYTTLEKPVAGAPQVLEFFSFFCPHCYQFEEVLHISDNVKKKLPEGVKMTKYHVNFMGGDLGKDLTQAWAVAM
ALGVEDKVTVPLFEGVQKTQTIRSASDIRDVFINAGIKGEEYDAAWNSFVVKSLVAQQEKAAADVQLRGVPAMFVNGKYQ
LNPQGMDTSNMDVFVQQYADTVKYLSEKK
;
_entity_poly.pdbx_strand_id   A,B
#
# COMPACT_ATOMS: atom_id res chain seq x y z
N ALA A 1 27.33 7.50 18.45
CA ALA A 1 27.65 6.87 17.18
C ALA A 1 26.63 7.30 16.12
N GLN A 2 27.04 7.28 14.86
CA GLN A 2 26.12 7.64 13.79
C GLN A 2 25.09 6.53 13.55
N TYR A 3 25.54 5.27 13.60
CA TYR A 3 24.66 4.11 13.57
C TYR A 3 24.59 3.55 14.98
N GLU A 4 23.37 3.29 15.47
CA GLU A 4 23.18 2.90 16.86
C GLU A 4 22.12 1.82 16.98
N ASP A 5 22.40 0.85 17.85
CA ASP A 5 21.44 -0.17 18.20
C ASP A 5 20.17 0.48 18.75
N GLY A 6 19.03 0.18 18.12
CA GLY A 6 17.78 0.79 18.49
C GLY A 6 17.41 2.01 17.67
N LYS A 7 18.27 2.45 16.76
CA LYS A 7 17.95 3.57 15.90
C LYS A 7 17.67 3.09 14.48
N GLN A 8 18.72 2.89 13.68
CA GLN A 8 18.53 2.36 12.34
C GLN A 8 18.40 0.86 12.32
N TYR A 9 18.68 0.19 13.44
CA TYR A 9 18.63 -1.26 13.48
C TYR A 9 18.48 -1.69 14.93
N THR A 10 18.06 -2.94 15.11
CA THR A 10 18.02 -3.57 16.41
C THR A 10 18.88 -4.83 16.36
N THR A 11 19.28 -5.30 17.53
CA THR A 11 20.13 -6.47 17.65
C THR A 11 19.33 -7.62 18.23
N LEU A 12 19.30 -8.75 17.52
CA LEU A 12 18.63 -9.93 18.03
C LEU A 12 19.36 -10.47 19.24
N GLU A 13 18.60 -10.80 20.30
CA GLU A 13 19.21 -11.32 21.51
C GLU A 13 19.56 -12.81 21.37
N LYS A 14 18.86 -13.53 20.50
CA LYS A 14 19.21 -14.91 20.15
C LYS A 14 19.55 -14.92 18.68
N PRO A 15 20.82 -14.73 18.32
CA PRO A 15 21.20 -14.66 16.90
C PRO A 15 21.11 -16.02 16.24
N VAL A 16 20.88 -16.00 14.93
CA VAL A 16 20.62 -17.20 14.14
C VAL A 16 21.89 -17.60 13.40
N ALA A 17 22.40 -18.79 13.72
CA ALA A 17 23.63 -19.26 13.10
C ALA A 17 23.37 -19.74 11.67
N GLY A 18 24.31 -19.45 10.78
CA GLY A 18 24.27 -19.93 9.41
C GLY A 18 23.19 -19.31 8.54
N ALA A 19 22.57 -18.22 8.97
CA ALA A 19 21.51 -17.59 8.21
C ALA A 19 22.04 -16.96 6.93
N PRO A 20 21.18 -16.68 5.95
CA PRO A 20 21.61 -15.90 4.78
C PRO A 20 22.14 -14.54 5.21
N GLN A 21 23.13 -14.06 4.46
CA GLN A 21 23.79 -12.80 4.80
C GLN A 21 22.80 -11.65 4.83
N VAL A 22 21.99 -11.52 3.79
CA VAL A 22 20.97 -10.48 3.69
C VAL A 22 19.65 -11.17 3.37
N LEU A 23 18.72 -11.13 4.31
CA LEU A 23 17.50 -11.91 4.24
C LEU A 23 16.31 -10.98 4.48
N GLU A 24 15.47 -10.79 3.47
CA GLU A 24 14.26 -10.01 3.65
C GLU A 24 13.03 -10.90 3.59
N PHE A 25 12.02 -10.52 4.36
CA PHE A 25 10.72 -11.18 4.34
C PHE A 25 9.66 -10.20 3.89
N PHE A 26 8.67 -10.72 3.17
CA PHE A 26 7.60 -9.86 2.69
C PHE A 26 6.33 -10.68 2.57
N SER A 27 5.22 -9.99 2.32
CA SER A 27 3.96 -10.63 1.99
C SER A 27 3.31 -9.84 0.86
N PHE A 28 2.70 -10.53 -0.10
CA PHE A 28 1.95 -9.82 -1.13
C PHE A 28 0.71 -9.14 -0.57
N PHE A 29 0.30 -9.47 0.67
CA PHE A 29 -0.79 -8.80 1.37
C PHE A 29 -0.36 -7.55 2.13
N CYS A 30 0.93 -7.30 2.23
CA CYS A 30 1.47 -6.30 3.14
C CYS A 30 1.56 -4.94 2.46
N PRO A 31 0.80 -3.93 2.90
CA PRO A 31 0.83 -2.64 2.20
C PRO A 31 2.19 -1.97 2.13
N HIS A 32 2.99 -2.05 3.18
CA HIS A 32 4.31 -1.45 3.10
C HIS A 32 5.23 -2.24 2.19
N CYS A 33 5.05 -3.56 2.12
CA CYS A 33 5.83 -4.34 1.16
C CYS A 33 5.52 -3.91 -0.27
N TYR A 34 4.28 -3.52 -0.54
CA TYR A 34 3.93 -2.97 -1.84
C TYR A 34 4.78 -1.75 -2.16
N GLN A 35 4.82 -0.79 -1.22
CA GLN A 35 5.68 0.39 -1.39
C GLN A 35 7.13 -0.02 -1.56
N PHE A 36 7.61 -0.95 -0.73
CA PHE A 36 9.01 -1.36 -0.79
C PHE A 36 9.38 -1.87 -2.18
N GLU A 37 8.42 -2.52 -2.85
CA GLU A 37 8.68 -3.05 -4.18
C GLU A 37 8.47 -2.00 -5.27
N GLU A 38 7.23 -1.53 -5.43
CA GLU A 38 6.90 -0.73 -6.61
C GLU A 38 7.37 0.72 -6.54
N VAL A 39 7.36 1.32 -5.35
CA VAL A 39 7.62 2.74 -5.22
C VAL A 39 9.07 3.03 -4.82
N LEU A 40 9.61 2.24 -3.88
CA LEU A 40 10.93 2.47 -3.31
C LEU A 40 12.02 1.58 -3.87
N HIS A 41 11.66 0.40 -4.37
CA HIS A 41 12.61 -0.54 -4.98
C HIS A 41 13.76 -0.83 -4.01
N ILE A 42 13.38 -1.18 -2.78
CA ILE A 42 14.35 -1.34 -1.69
C ILE A 42 15.36 -2.44 -2.02
N SER A 43 14.87 -3.61 -2.47
CA SER A 43 15.78 -4.72 -2.73
C SER A 43 16.83 -4.35 -3.76
N ASP A 44 16.42 -3.66 -4.82
CA ASP A 44 17.38 -3.30 -5.87
C ASP A 44 18.41 -2.29 -5.36
N ASN A 45 17.98 -1.34 -4.53
CA ASN A 45 18.92 -0.33 -4.07
C ASN A 45 19.87 -0.87 -3.01
N VAL A 46 19.43 -1.85 -2.21
CA VAL A 46 20.35 -2.54 -1.31
C VAL A 46 21.42 -3.27 -2.10
N LYS A 47 21.01 -4.04 -3.11
CA LYS A 47 21.97 -4.78 -3.92
C LYS A 47 23.02 -3.86 -4.54
N LYS A 48 22.59 -2.68 -4.99
CA LYS A 48 23.52 -1.75 -5.61
C LYS A 48 24.58 -1.24 -4.64
N LYS A 49 24.35 -1.33 -3.34
CA LYS A 49 25.32 -0.85 -2.35
C LYS A 49 26.07 -1.99 -1.66
N LEU A 50 25.71 -3.23 -1.90
CA LEU A 50 26.51 -4.34 -1.41
C LEU A 50 27.55 -4.72 -2.45
N PRO A 51 28.66 -5.34 -2.03
CA PRO A 51 29.59 -5.91 -3.01
C PRO A 51 28.97 -7.09 -3.73
N GLU A 52 29.62 -7.50 -4.82
CA GLU A 52 29.20 -8.71 -5.54
C GLU A 52 29.79 -9.94 -4.87
N GLY A 53 29.96 -9.88 -3.55
CA GLY A 53 30.38 -11.03 -2.76
C GLY A 53 29.38 -11.33 -1.65
N VAL A 54 28.18 -10.78 -1.78
CA VAL A 54 27.11 -10.97 -0.80
C VAL A 54 25.86 -11.45 -1.52
N LYS A 55 25.24 -12.49 -0.98
CA LYS A 55 24.01 -13.04 -1.55
C LYS A 55 22.80 -12.41 -0.86
N MET A 56 21.76 -12.16 -1.64
CA MET A 56 20.51 -11.60 -1.13
C MET A 56 19.40 -12.64 -1.27
N THR A 57 18.63 -12.81 -0.21
CA THR A 57 17.56 -13.79 -0.16
C THR A 57 16.25 -13.09 0.21
N LYS A 58 15.17 -13.47 -0.45
CA LYS A 58 13.86 -12.87 -0.22
C LYS A 58 12.82 -13.96 -0.10
N TYR A 59 12.10 -13.98 1.02
CA TYR A 59 11.17 -15.05 1.34
C TYR A 59 9.79 -14.48 1.64
N HIS A 60 8.76 -15.21 1.24
CA HIS A 60 7.37 -14.86 1.55
C HIS A 60 6.98 -15.45 2.89
N VAL A 61 5.95 -14.85 3.52
CA VAL A 61 5.50 -15.30 4.83
C VAL A 61 4.03 -15.72 4.77
N ASN A 62 3.64 -16.55 5.74
CA ASN A 62 2.31 -17.15 5.82
C ASN A 62 1.33 -16.36 6.65
N PHE A 63 1.80 -15.52 7.58
CA PHE A 63 0.89 -15.03 8.62
C PHE A 63 -0.04 -13.92 8.17
N MET A 64 -0.01 -13.52 6.90
CA MET A 64 -1.00 -12.59 6.38
C MET A 64 -1.81 -13.27 5.30
N GLY A 65 -3.12 -13.07 5.32
CA GLY A 65 -3.97 -13.55 4.24
C GLY A 65 -4.46 -14.98 4.36
N GLY A 66 -4.30 -15.61 5.52
CA GLY A 66 -4.88 -16.92 5.74
C GLY A 66 -4.51 -17.94 4.68
N ASP A 67 -5.54 -18.61 4.14
CA ASP A 67 -5.32 -19.69 3.16
C ASP A 67 -4.59 -19.17 1.91
N LEU A 68 -4.98 -18.01 1.39
CA LEU A 68 -4.29 -17.44 0.23
C LEU A 68 -2.88 -17.01 0.58
N GLY A 69 -2.63 -16.60 1.82
CA GLY A 69 -1.27 -16.29 2.23
C GLY A 69 -0.35 -17.47 2.05
N LYS A 70 -0.81 -18.67 2.43
CA LYS A 70 0.00 -19.87 2.28
C LYS A 70 0.16 -20.29 0.82
N ASP A 71 -0.90 -20.10 0.02
CA ASP A 71 -0.78 -20.34 -1.42
C ASP A 71 0.32 -19.46 -2.00
N LEU A 72 0.39 -18.21 -1.56
CA LEU A 72 1.36 -17.28 -2.12
C LEU A 72 2.77 -17.65 -1.71
N THR A 73 2.94 -18.24 -0.53
CA THR A 73 4.27 -18.70 -0.14
C THR A 73 4.71 -19.87 -1.02
N GLN A 74 3.79 -20.77 -1.35
CA GLN A 74 4.11 -21.85 -2.27
C GLN A 74 4.37 -21.30 -3.68
N ALA A 75 3.57 -20.30 -4.10
CA ALA A 75 3.79 -19.70 -5.42
C ALA A 75 5.13 -18.99 -5.50
N TRP A 76 5.55 -18.34 -4.41
CA TRP A 76 6.88 -17.74 -4.37
C TRP A 76 7.96 -18.82 -4.47
N ALA A 77 7.76 -19.97 -3.82
CA ALA A 77 8.67 -21.10 -4.00
C ALA A 77 8.74 -21.52 -5.47
N VAL A 78 7.58 -21.62 -6.13
CA VAL A 78 7.59 -21.91 -7.57
C VAL A 78 8.41 -20.86 -8.32
N ALA A 79 8.13 -19.58 -8.03
CA ALA A 79 8.88 -18.48 -8.66
C ALA A 79 10.38 -18.62 -8.44
N MET A 80 10.80 -18.96 -7.22
CA MET A 80 12.24 -19.12 -6.95
C MET A 80 12.80 -20.34 -7.67
N ALA A 81 12.06 -21.45 -7.67
CA ALA A 81 12.52 -22.66 -8.34
C ALA A 81 12.73 -22.42 -9.83
N LEU A 82 11.79 -21.70 -10.47
CA LEU A 82 11.85 -21.43 -11.90
C LEU A 82 12.67 -20.20 -12.25
N GLY A 83 13.06 -19.40 -11.25
CA GLY A 83 13.84 -18.20 -11.50
C GLY A 83 13.06 -17.07 -12.16
N VAL A 84 11.78 -16.91 -11.82
CA VAL A 84 10.94 -15.93 -12.50
C VAL A 84 10.40 -14.89 -11.54
N GLU A 85 11.12 -14.64 -10.44
CA GLU A 85 10.69 -13.64 -9.45
C GLU A 85 10.46 -12.28 -10.10
N ASP A 86 11.37 -11.86 -10.97
CA ASP A 86 11.26 -10.55 -11.59
C ASP A 86 10.07 -10.44 -12.54
N LYS A 87 9.53 -11.57 -12.99
CA LYS A 87 8.40 -11.55 -13.92
C LYS A 87 7.04 -11.56 -13.22
N VAL A 88 6.98 -12.03 -11.97
CA VAL A 88 5.70 -12.23 -11.30
C VAL A 88 5.50 -11.33 -10.09
N THR A 89 6.56 -10.69 -9.58
CA THR A 89 6.42 -9.92 -8.34
C THR A 89 5.40 -8.81 -8.49
N VAL A 90 5.51 -8.00 -9.54
CA VAL A 90 4.63 -6.85 -9.71
C VAL A 90 3.19 -7.31 -10.00
N PRO A 91 2.94 -8.24 -10.93
CA PRO A 91 1.54 -8.66 -11.13
C PRO A 91 0.92 -9.29 -9.89
N LEU A 92 1.71 -9.91 -9.03
CA LEU A 92 1.13 -10.51 -7.82
C LEU A 92 0.74 -9.44 -6.81
N PHE A 93 1.63 -8.48 -6.57
CA PHE A 93 1.28 -7.32 -5.73
C PHE A 93 0.03 -6.63 -6.24
N GLU A 94 0.01 -6.30 -7.53
CA GLU A 94 -1.12 -5.55 -8.06
C GLU A 94 -2.39 -6.39 -8.05
N GLY A 95 -2.27 -7.69 -8.32
CA GLY A 95 -3.45 -8.54 -8.28
C GLY A 95 -4.02 -8.73 -6.88
N VAL A 96 -3.16 -8.76 -5.86
CA VAL A 96 -3.66 -8.87 -4.48
C VAL A 96 -4.20 -7.52 -4.00
N GLN A 97 -3.44 -6.44 -4.19
CA GLN A 97 -3.73 -5.18 -3.50
C GLN A 97 -4.29 -4.07 -4.38
N LYS A 98 -4.03 -4.06 -5.69
CA LYS A 98 -4.54 -2.99 -6.54
C LYS A 98 -5.86 -3.37 -7.21
N THR A 99 -5.83 -4.39 -8.07
CA THR A 99 -7.05 -4.81 -8.76
C THR A 99 -7.87 -5.78 -7.92
N GLN A 100 -7.25 -6.43 -6.94
CA GLN A 100 -7.91 -7.40 -6.09
C GLN A 100 -8.60 -8.47 -6.94
N THR A 101 -7.85 -8.98 -7.91
CA THR A 101 -8.28 -10.05 -8.79
C THR A 101 -7.67 -11.40 -8.42
N ILE A 102 -6.83 -11.44 -7.39
CA ILE A 102 -6.24 -12.69 -6.92
C ILE A 102 -7.04 -13.11 -5.70
N ARG A 103 -7.88 -14.13 -5.86
CA ARG A 103 -8.77 -14.60 -4.81
C ARG A 103 -8.64 -16.09 -4.55
N SER A 104 -7.79 -16.79 -5.28
CA SER A 104 -7.71 -18.24 -5.22
C SER A 104 -6.37 -18.64 -5.84
N ALA A 105 -6.00 -19.90 -5.62
CA ALA A 105 -4.77 -20.40 -6.21
C ALA A 105 -4.82 -20.33 -7.73
N SER A 106 -6.00 -20.56 -8.31
CA SER A 106 -6.13 -20.47 -9.77
C SER A 106 -5.75 -19.07 -10.26
N ASP A 107 -6.20 -18.03 -9.56
CA ASP A 107 -5.85 -16.66 -9.94
C ASP A 107 -4.35 -16.42 -9.86
N ILE A 108 -3.69 -16.97 -8.85
CA ILE A 108 -2.23 -16.85 -8.79
C ILE A 108 -1.60 -17.53 -10.00
N ARG A 109 -2.08 -18.73 -10.33
CA ARG A 109 -1.58 -19.44 -11.50
C ARG A 109 -1.73 -18.62 -12.76
N ASP A 110 -2.86 -17.91 -12.90
CA ASP A 110 -3.10 -17.08 -14.09
C ASP A 110 -2.01 -16.03 -14.27
N VAL A 111 -1.54 -15.45 -13.15
CA VAL A 111 -0.47 -14.46 -13.21
C VAL A 111 0.76 -15.06 -13.88
N PHE A 112 1.14 -16.27 -13.46
CA PHE A 112 2.31 -16.93 -14.06
C PHE A 112 2.10 -17.23 -15.53
N ILE A 113 0.92 -17.73 -15.89
CA ILE A 113 0.59 -17.99 -17.30
C ILE A 113 0.68 -16.72 -18.12
N ASN A 114 0.09 -15.64 -17.61
CA ASN A 114 0.15 -14.35 -18.30
C ASN A 114 1.59 -13.85 -18.37
N ALA A 115 2.39 -14.12 -17.33
CA ALA A 115 3.81 -13.78 -17.38
C ALA A 115 4.60 -14.69 -18.31
N GLY A 116 4.01 -15.79 -18.79
CA GLY A 116 4.64 -16.61 -19.81
C GLY A 116 5.18 -17.95 -19.36
N ILE A 117 4.94 -18.37 -18.12
CA ILE A 117 5.34 -19.68 -17.67
C ILE A 117 4.30 -20.69 -18.18
N LYS A 118 4.77 -21.78 -18.78
CA LYS A 118 3.87 -22.80 -19.30
C LYS A 118 3.04 -23.43 -18.18
N GLY A 119 1.79 -23.78 -18.52
CA GLY A 119 0.92 -24.40 -17.54
C GLY A 119 1.46 -25.70 -17.00
N GLU A 120 1.91 -26.59 -17.90
CA GLU A 120 2.56 -27.83 -17.47
C GLU A 120 3.75 -27.55 -16.58
N GLU A 121 4.47 -26.45 -16.85
CA GLU A 121 5.67 -26.10 -16.09
C GLU A 121 5.33 -25.57 -14.71
N TYR A 122 4.35 -24.67 -14.63
CA TYR A 122 3.87 -24.20 -13.34
C TYR A 122 3.37 -25.35 -12.47
N ASP A 123 2.51 -26.20 -13.05
CA ASP A 123 1.86 -27.24 -12.26
C ASP A 123 2.86 -28.28 -11.76
N ALA A 124 3.82 -28.67 -12.61
CA ALA A 124 4.82 -29.63 -12.17
C ALA A 124 5.67 -29.07 -11.04
N ALA A 125 6.05 -27.80 -11.15
CA ALA A 125 6.80 -27.16 -10.07
C ALA A 125 5.96 -27.06 -8.80
N TRP A 126 4.74 -26.57 -8.92
CA TRP A 126 3.84 -26.43 -7.78
C TRP A 126 3.77 -27.71 -6.94
N ASN A 127 3.77 -28.87 -7.60
CA ASN A 127 3.58 -30.14 -6.93
C ASN A 127 4.89 -30.85 -6.60
N SER A 128 6.03 -30.23 -6.87
CA SER A 128 7.31 -30.90 -6.71
C SER A 128 7.78 -30.86 -5.26
N PHE A 129 8.53 -31.90 -4.87
CA PHE A 129 9.15 -31.90 -3.55
C PHE A 129 10.29 -30.89 -3.46
N VAL A 130 10.84 -30.45 -4.60
CA VAL A 130 11.80 -29.35 -4.56
C VAL A 130 11.12 -28.08 -4.08
N VAL A 131 9.89 -27.82 -4.56
CA VAL A 131 9.16 -26.65 -4.09
C VAL A 131 8.69 -26.86 -2.64
N LYS A 132 8.31 -28.10 -2.30
CA LYS A 132 8.00 -28.41 -0.90
C LYS A 132 9.14 -28.02 0.05
N SER A 133 10.38 -28.26 -0.36
CA SER A 133 11.50 -27.94 0.53
C SER A 133 11.82 -26.44 0.50
N LEU A 134 11.56 -25.76 -0.62
CA LEU A 134 11.68 -24.31 -0.66
C LEU A 134 10.65 -23.65 0.24
N VAL A 135 9.43 -24.21 0.30
CA VAL A 135 8.44 -23.72 1.26
C VAL A 135 8.95 -23.92 2.69
N ALA A 136 9.49 -25.11 2.98
CA ALA A 136 10.02 -25.37 4.32
C ALA A 136 11.15 -24.41 4.66
N GLN A 137 11.99 -24.07 3.67
CA GLN A 137 13.08 -23.13 3.91
C GLN A 137 12.54 -21.75 4.27
N GLN A 138 11.47 -21.32 3.61
CA GLN A 138 10.91 -20.01 3.91
C GLN A 138 10.32 -19.98 5.30
N GLU A 139 9.63 -21.05 5.70
CA GLU A 139 9.04 -21.13 7.03
C GLU A 139 10.12 -21.18 8.11
N LYS A 140 11.14 -22.01 7.90
CA LYS A 140 12.18 -22.17 8.90
C LYS A 140 12.92 -20.86 9.15
N ALA A 141 13.15 -20.07 8.09
CA ALA A 141 13.89 -18.82 8.25
C ALA A 141 13.08 -17.80 9.04
N ALA A 142 11.77 -17.72 8.78
CA ALA A 142 10.93 -16.79 9.54
C ALA A 142 10.77 -17.26 10.98
N ALA A 143 10.69 -18.57 11.20
CA ALA A 143 10.52 -19.10 12.54
C ALA A 143 11.78 -18.89 13.38
N ASP A 144 12.95 -18.87 12.76
CA ASP A 144 14.19 -18.63 13.48
C ASP A 144 14.21 -17.27 14.17
N VAL A 145 13.43 -16.30 13.69
CA VAL A 145 13.39 -14.98 14.29
C VAL A 145 12.01 -14.66 14.86
N GLN A 146 11.17 -15.67 15.05
CA GLN A 146 9.80 -15.50 15.56
C GLN A 146 9.12 -14.33 14.86
N LEU A 147 9.22 -14.33 13.53
CA LEU A 147 8.85 -13.19 12.72
C LEU A 147 7.35 -12.91 12.84
N ARG A 148 7.01 -11.69 13.25
CA ARG A 148 5.62 -11.29 13.41
C ARG A 148 5.23 -10.10 12.56
N GLY A 149 6.14 -9.54 11.77
CA GLY A 149 5.81 -8.39 10.95
C GLY A 149 6.69 -8.30 9.72
N VAL A 150 6.09 -7.82 8.63
CA VAL A 150 6.83 -7.53 7.40
C VAL A 150 6.49 -6.10 6.99
N PRO A 151 7.33 -5.48 6.15
CA PRO A 151 8.60 -5.93 5.58
C PRO A 151 9.65 -6.03 6.68
N ALA A 152 10.56 -6.98 6.54
CA ALA A 152 11.63 -7.16 7.51
C ALA A 152 12.91 -7.52 6.77
N MET A 153 14.04 -7.00 7.25
CA MET A 153 15.32 -7.40 6.69
C MET A 153 16.27 -7.70 7.83
N PHE A 154 17.02 -8.79 7.69
CA PHE A 154 17.96 -9.25 8.71
C PHE A 154 19.33 -9.40 8.06
N VAL A 155 20.38 -9.01 8.78
CA VAL A 155 21.73 -9.06 8.24
C VAL A 155 22.54 -10.02 9.11
N ASN A 156 23.02 -11.10 8.49
CA ASN A 156 23.89 -12.09 9.13
C ASN A 156 23.26 -12.71 10.37
N GLY A 157 21.95 -12.90 10.33
CA GLY A 157 21.23 -13.49 11.45
C GLY A 157 21.37 -12.75 12.77
N LYS A 158 21.94 -11.55 12.75
CA LYS A 158 22.22 -10.83 13.98
C LYS A 158 21.50 -9.48 14.10
N TYR A 159 21.21 -8.80 12.99
CA TYR A 159 20.67 -7.45 13.06
C TYR A 159 19.41 -7.34 12.22
N GLN A 160 18.45 -6.58 12.71
CA GLN A 160 17.19 -6.36 12.00
C GLN A 160 17.04 -4.88 11.69
N LEU A 161 16.75 -4.57 10.43
CA LEU A 161 16.57 -3.19 10.01
C LEU A 161 15.42 -2.55 10.76
N ASN A 162 15.54 -1.26 11.05
CA ASN A 162 14.54 -0.51 11.79
C ASN A 162 14.11 0.71 10.99
N PRO A 163 13.31 0.51 9.94
CA PRO A 163 12.91 1.64 9.08
C PRO A 163 12.14 2.74 9.80
N GLN A 164 11.41 2.39 10.88
CA GLN A 164 10.74 3.42 11.66
C GLN A 164 11.73 4.40 12.30
N GLY A 165 13.02 4.06 12.33
CA GLY A 165 14.04 4.93 12.88
C GLY A 165 14.80 5.73 11.84
N MET A 166 14.20 5.89 10.65
CA MET A 166 14.77 6.67 9.56
C MET A 166 13.80 7.78 9.19
N ASP A 167 14.28 8.71 8.36
CA ASP A 167 13.49 9.88 7.97
C ASP A 167 12.72 9.59 6.68
N THR A 168 11.45 9.97 6.66
CA THR A 168 10.57 9.62 5.55
C THR A 168 9.92 10.83 4.89
N SER A 169 10.45 12.03 5.11
CA SER A 169 9.97 13.19 4.38
C SER A 169 10.28 13.08 2.89
N ASN A 170 11.34 12.32 2.56
CA ASN A 170 11.83 12.18 1.19
C ASN A 170 12.04 10.69 0.94
N MET A 171 11.39 10.18 -0.11
N MET A 171 11.45 10.19 -0.13
CA MET A 171 11.42 8.75 -0.41
CA MET A 171 11.44 8.75 -0.37
C MET A 171 12.83 8.28 -0.76
C MET A 171 12.81 8.25 -0.82
N ASP A 172 13.53 9.04 -1.61
CA ASP A 172 14.85 8.62 -2.04
C ASP A 172 15.84 8.65 -0.88
N VAL A 173 15.74 9.67 -0.03
CA VAL A 173 16.62 9.77 1.13
C VAL A 173 16.41 8.58 2.06
N PHE A 174 15.15 8.16 2.25
CA PHE A 174 14.87 7.00 3.07
C PHE A 174 15.51 5.74 2.48
N VAL A 175 15.35 5.53 1.17
CA VAL A 175 15.91 4.34 0.52
C VAL A 175 17.43 4.31 0.69
N GLN A 176 18.09 5.46 0.53
N GLN A 176 18.05 5.49 0.53
CA GLN A 176 19.54 5.42 0.62
CA GLN A 176 19.49 5.64 0.69
C GLN A 176 20.01 5.28 2.06
C GLN A 176 19.94 5.28 2.09
N GLN A 177 19.29 5.84 3.02
N GLN A 177 19.28 5.86 3.10
CA GLN A 177 19.58 5.58 4.43
CA GLN A 177 19.63 5.56 4.49
C GLN A 177 19.44 4.10 4.76
C GLN A 177 19.43 4.07 4.80
N TYR A 178 18.37 3.48 4.26
CA TYR A 178 18.12 2.06 4.46
C TYR A 178 19.25 1.22 3.87
N ALA A 179 19.61 1.49 2.60
CA ALA A 179 20.64 0.70 1.94
C ALA A 179 22.01 0.93 2.56
N ASP A 180 22.32 2.17 2.93
CA ASP A 180 23.59 2.45 3.59
C ASP A 180 23.66 1.72 4.93
N THR A 181 22.51 1.54 5.59
CA THR A 181 22.51 0.83 6.86
C THR A 181 22.77 -0.65 6.66
N VAL A 182 22.16 -1.25 5.63
CA VAL A 182 22.45 -2.65 5.32
C VAL A 182 23.94 -2.84 5.05
N LYS A 183 24.53 -1.92 4.27
CA LYS A 183 25.97 -1.99 3.99
C LYS A 183 26.77 -1.91 5.27
N TYR A 184 26.49 -0.92 6.11
CA TYR A 184 27.23 -0.79 7.37
C TYR A 184 27.09 -2.06 8.21
N LEU A 185 25.89 -2.63 8.25
CA LEU A 185 25.67 -3.85 9.02
C LEU A 185 26.42 -5.02 8.40
N SER A 186 26.41 -5.11 7.06
CA SER A 186 27.10 -6.22 6.41
C SER A 186 28.60 -6.18 6.68
N GLU A 187 29.18 -4.98 6.81
CA GLU A 187 30.60 -4.82 7.07
C GLU A 187 30.95 -4.97 8.54
N LYS A 188 29.96 -5.07 9.42
CA LYS A 188 30.18 -5.10 10.87
C LYS A 188 30.98 -6.32 11.28
N ALA B 1 -34.30 -10.25 1.99
CA ALA B 1 -34.08 -8.86 1.61
C ALA B 1 -32.79 -8.69 0.82
N GLN B 2 -32.77 -7.68 -0.03
CA GLN B 2 -31.60 -7.44 -0.87
C GLN B 2 -30.41 -6.99 -0.04
N TYR B 3 -30.56 -5.90 0.69
CA TYR B 3 -29.48 -5.33 1.49
C TYR B 3 -29.47 -5.95 2.88
N GLU B 4 -28.34 -6.57 3.25
CA GLU B 4 -28.19 -7.23 4.54
C GLU B 4 -26.96 -6.67 5.23
N ASP B 5 -27.14 -6.18 6.46
CA ASP B 5 -26.01 -5.74 7.26
C ASP B 5 -24.96 -6.82 7.32
N GLY B 6 -23.70 -6.42 7.06
CA GLY B 6 -22.61 -7.35 6.97
C GLY B 6 -22.30 -7.83 5.57
N LYS B 7 -23.27 -7.78 4.66
CA LYS B 7 -23.03 -8.11 3.27
C LYS B 7 -22.47 -6.88 2.55
N GLN B 8 -23.33 -5.93 2.21
CA GLN B 8 -22.92 -4.74 1.47
C GLN B 8 -22.42 -3.61 2.36
N TYR B 9 -22.66 -3.66 3.67
CA TYR B 9 -22.35 -2.54 4.53
C TYR B 9 -22.26 -3.02 5.98
N THR B 10 -21.60 -2.20 6.81
CA THR B 10 -21.61 -2.38 8.26
C THR B 10 -22.11 -1.10 8.92
N THR B 11 -22.56 -1.25 10.16
CA THR B 11 -23.06 -0.14 10.96
C THR B 11 -22.09 0.16 12.09
N LEU B 12 -21.82 1.45 12.30
CA LEU B 12 -20.85 1.86 13.30
C LEU B 12 -21.45 1.83 14.69
N GLU B 13 -20.65 1.36 15.66
CA GLU B 13 -21.10 1.34 17.03
C GLU B 13 -21.20 2.75 17.61
N LYS B 14 -20.11 3.53 17.50
CA LYS B 14 -20.11 4.90 17.97
C LYS B 14 -20.56 5.82 16.85
N PRO B 15 -21.60 6.62 17.04
CA PRO B 15 -22.08 7.51 15.97
C PRO B 15 -21.20 8.75 15.84
N VAL B 16 -21.43 9.49 14.76
CA VAL B 16 -20.69 10.72 14.48
C VAL B 16 -21.71 11.80 14.15
N ALA B 17 -21.84 12.78 15.04
CA ALA B 17 -22.70 13.93 14.78
C ALA B 17 -21.97 14.93 13.90
N GLY B 18 -22.69 15.48 12.93
CA GLY B 18 -22.13 16.46 12.02
C GLY B 18 -21.26 15.89 10.92
N ALA B 19 -21.09 14.57 10.85
CA ALA B 19 -20.27 13.98 9.81
C ALA B 19 -20.87 14.25 8.44
N PRO B 20 -20.04 14.52 7.43
CA PRO B 20 -20.57 14.83 6.10
C PRO B 20 -21.50 13.74 5.59
N GLN B 21 -22.46 14.15 4.75
CA GLN B 21 -23.47 13.22 4.23
C GLN B 21 -22.81 12.07 3.49
N VAL B 22 -21.82 12.36 2.66
CA VAL B 22 -21.05 11.35 1.95
C VAL B 22 -19.58 11.73 2.09
N LEU B 23 -18.82 10.93 2.85
CA LEU B 23 -17.42 11.23 3.15
C LEU B 23 -16.53 10.08 2.69
N GLU B 24 -15.69 10.35 1.70
CA GLU B 24 -14.75 9.38 1.14
C GLU B 24 -13.33 9.71 1.61
N PHE B 25 -12.55 8.66 1.93
CA PHE B 25 -11.18 8.80 2.39
C PHE B 25 -10.23 8.12 1.40
N PHE B 26 -9.09 8.75 1.13
CA PHE B 26 -8.12 8.14 0.23
C PHE B 26 -6.70 8.60 0.59
N SER B 27 -5.74 8.05 -0.15
CA SER B 27 -4.35 8.45 -0.10
C SER B 27 -3.76 8.32 -1.49
N PHE B 28 -2.85 9.23 -1.85
CA PHE B 28 -2.21 9.08 -3.15
C PHE B 28 -1.20 7.93 -3.20
N PHE B 29 -0.90 7.29 -2.05
CA PHE B 29 -0.06 6.10 -1.98
C PHE B 29 -0.82 4.80 -2.12
N CYS B 30 -2.13 4.84 -1.94
CA CYS B 30 -3.00 3.68 -1.82
C CYS B 30 -3.35 3.16 -3.21
N PRO B 31 -2.79 2.02 -3.64
CA PRO B 31 -3.04 1.56 -5.02
C PRO B 31 -4.49 1.17 -5.26
N HIS B 32 -5.20 0.71 -4.24
CA HIS B 32 -6.62 0.42 -4.43
C HIS B 32 -7.42 1.71 -4.55
N CYS B 33 -6.95 2.81 -3.96
CA CYS B 33 -7.61 4.11 -4.15
C CYS B 33 -7.44 4.59 -5.58
N TYR B 34 -6.22 4.46 -6.10
CA TYR B 34 -5.96 4.69 -7.51
C TYR B 34 -6.94 3.89 -8.36
N GLN B 35 -7.12 2.62 -8.02
CA GLN B 35 -8.04 1.76 -8.77
C GLN B 35 -9.48 2.27 -8.67
N PHE B 36 -9.93 2.57 -7.45
CA PHE B 36 -11.28 3.09 -7.23
C PHE B 36 -11.53 4.36 -8.06
N GLU B 37 -10.58 5.30 -8.04
CA GLU B 37 -10.83 6.61 -8.63
C GLU B 37 -10.64 6.64 -10.14
N GLU B 38 -9.62 5.95 -10.66
CA GLU B 38 -9.21 6.13 -12.04
C GLU B 38 -9.50 4.94 -12.94
N VAL B 39 -9.78 3.77 -12.39
CA VAL B 39 -10.19 2.61 -13.16
C VAL B 39 -11.69 2.33 -12.98
N LEU B 40 -12.12 2.10 -11.74
CA LEU B 40 -13.52 1.84 -11.47
C LEU B 40 -14.40 3.08 -11.55
N HIS B 41 -13.81 4.26 -11.40
CA HIS B 41 -14.54 5.51 -11.24
C HIS B 41 -15.69 5.35 -10.24
N ILE B 42 -15.35 4.93 -9.02
CA ILE B 42 -16.36 4.70 -8.01
C ILE B 42 -17.09 6.00 -7.69
N SER B 43 -16.33 7.06 -7.41
CA SER B 43 -16.92 8.34 -7.04
C SER B 43 -17.87 8.86 -8.11
N ASP B 44 -17.48 8.72 -9.39
CA ASP B 44 -18.34 9.16 -10.48
C ASP B 44 -19.68 8.45 -10.47
N ASN B 45 -19.65 7.12 -10.32
CA ASN B 45 -20.90 6.36 -10.37
C ASN B 45 -21.74 6.59 -9.13
N VAL B 46 -21.09 6.75 -7.98
CA VAL B 46 -21.82 7.16 -6.77
C VAL B 46 -22.49 8.52 -6.99
N LYS B 47 -21.74 9.47 -7.54
CA LYS B 47 -22.30 10.81 -7.78
C LYS B 47 -23.48 10.76 -8.74
N LYS B 48 -23.40 9.94 -9.79
CA LYS B 48 -24.49 9.88 -10.75
C LYS B 48 -25.80 9.43 -10.12
N LYS B 49 -25.75 8.79 -8.96
CA LYS B 49 -26.91 8.17 -8.35
C LYS B 49 -27.33 8.80 -7.03
N LEU B 50 -26.57 9.76 -6.50
CA LEU B 50 -26.92 10.36 -5.23
C LEU B 50 -28.16 11.23 -5.36
N PRO B 51 -29.00 11.29 -4.32
CA PRO B 51 -30.22 12.09 -4.39
C PRO B 51 -29.90 13.58 -4.48
N GLU B 52 -30.96 14.36 -4.72
CA GLU B 52 -30.81 15.79 -4.89
C GLU B 52 -30.38 16.46 -3.58
N GLY B 53 -29.47 17.43 -3.70
CA GLY B 53 -29.01 18.21 -2.57
C GLY B 53 -27.79 17.65 -1.87
N VAL B 54 -27.62 16.32 -1.86
CA VAL B 54 -26.51 15.72 -1.13
C VAL B 54 -25.21 16.01 -1.87
N LYS B 55 -24.22 16.51 -1.12
CA LYS B 55 -22.92 16.84 -1.65
C LYS B 55 -21.91 15.76 -1.29
N MET B 56 -20.81 15.73 -2.05
CA MET B 56 -19.79 14.71 -1.92
C MET B 56 -18.50 15.33 -1.37
N THR B 57 -17.94 14.70 -0.34
CA THR B 57 -16.74 15.17 0.33
C THR B 57 -15.66 14.10 0.27
N LYS B 58 -14.44 14.49 -0.09
CA LYS B 58 -13.32 13.56 -0.17
C LYS B 58 -12.13 14.10 0.61
N TYR B 59 -11.59 13.29 1.51
CA TYR B 59 -10.49 13.68 2.38
C TYR B 59 -9.29 12.76 2.19
N HIS B 60 -8.10 13.32 2.38
CA HIS B 60 -6.84 12.60 2.31
C HIS B 60 -6.38 12.20 3.72
N VAL B 61 -5.60 11.13 3.80
CA VAL B 61 -5.14 10.60 5.09
C VAL B 61 -3.62 10.56 5.14
N ASN B 62 -3.09 10.59 6.36
CA ASN B 62 -1.65 10.72 6.62
C ASN B 62 -0.92 9.39 6.76
N PHE B 63 -1.63 8.31 7.07
CA PHE B 63 -0.99 7.10 7.58
C PHE B 63 -0.39 6.20 6.49
N MET B 64 -0.21 6.70 5.27
CA MET B 64 0.46 5.95 4.22
C MET B 64 1.61 6.78 3.66
N GLY B 65 2.77 6.14 3.50
CA GLY B 65 3.89 6.80 2.87
C GLY B 65 4.71 7.72 3.76
N GLY B 66 4.86 7.38 5.03
CA GLY B 66 5.66 8.18 5.93
C GLY B 66 5.23 9.64 6.00
N ASP B 67 6.19 10.49 6.36
CA ASP B 67 5.92 11.92 6.55
C ASP B 67 5.44 12.58 5.27
N LEU B 68 5.85 12.07 4.11
CA LEU B 68 5.34 12.61 2.86
C LEU B 68 3.82 12.48 2.78
N GLY B 69 3.26 11.45 3.41
CA GLY B 69 1.82 11.32 3.46
C GLY B 69 1.17 12.54 4.08
N LYS B 70 1.77 13.08 5.14
CA LYS B 70 1.24 14.30 5.75
C LYS B 70 1.29 15.48 4.77
N ASP B 71 2.38 15.60 4.01
CA ASP B 71 2.49 16.69 3.05
C ASP B 71 1.40 16.59 1.98
N LEU B 72 1.11 15.37 1.52
CA LEU B 72 0.06 15.16 0.52
C LEU B 72 -1.31 15.53 1.06
N THR B 73 -1.54 15.32 2.36
CA THR B 73 -2.77 15.78 2.98
C THR B 73 -2.87 17.30 2.94
N GLN B 74 -1.79 17.99 3.28
CA GLN B 74 -1.77 19.44 3.17
C GLN B 74 -1.96 19.88 1.73
N ALA B 75 -1.36 19.15 0.78
CA ALA B 75 -1.51 19.50 -0.63
C ALA B 75 -2.95 19.29 -1.10
N TRP B 76 -3.61 18.24 -0.61
CA TRP B 76 -5.02 18.04 -0.93
C TRP B 76 -5.89 19.11 -0.30
N ALA B 77 -5.47 19.65 0.85
CA ALA B 77 -6.14 20.82 1.41
C ALA B 77 -6.00 22.02 0.49
N VAL B 78 -4.83 22.18 -0.14
CA VAL B 78 -4.65 23.26 -1.11
C VAL B 78 -5.53 23.03 -2.34
N ALA B 79 -5.56 21.78 -2.83
CA ALA B 79 -6.37 21.46 -4.01
C ALA B 79 -7.83 21.78 -3.75
N MET B 80 -8.32 21.51 -2.54
CA MET B 80 -9.70 21.85 -2.22
C MET B 80 -9.87 23.36 -2.09
N ALA B 81 -8.88 24.04 -1.50
CA ALA B 81 -8.98 25.48 -1.30
C ALA B 81 -8.98 26.22 -2.63
N LEU B 82 -8.21 25.74 -3.60
CA LEU B 82 -8.07 26.38 -4.90
C LEU B 82 -9.08 25.85 -5.92
N GLY B 83 -9.84 24.82 -5.58
CA GLY B 83 -10.78 24.23 -6.52
C GLY B 83 -10.12 23.56 -7.71
N VAL B 84 -8.99 22.90 -7.50
CA VAL B 84 -8.28 22.28 -8.61
C VAL B 84 -8.19 20.77 -8.47
N GLU B 85 -9.11 20.16 -7.70
CA GLU B 85 -9.14 18.71 -7.53
C GLU B 85 -9.13 17.99 -8.88
N ASP B 86 -9.95 18.46 -9.82
CA ASP B 86 -10.08 17.83 -11.12
C ASP B 86 -8.97 18.21 -12.08
N LYS B 87 -7.90 18.81 -11.59
CA LYS B 87 -6.72 19.06 -12.40
C LYS B 87 -5.46 18.43 -11.85
N VAL B 88 -5.36 18.23 -10.53
CA VAL B 88 -4.13 17.70 -9.91
C VAL B 88 -4.23 16.24 -9.50
N THR B 89 -5.44 15.65 -9.48
CA THR B 89 -5.59 14.30 -8.94
C THR B 89 -4.80 13.29 -9.76
N VAL B 90 -4.97 13.31 -11.08
CA VAL B 90 -4.23 12.37 -11.92
C VAL B 90 -2.73 12.57 -11.81
N PRO B 91 -2.17 13.77 -11.98
CA PRO B 91 -0.71 13.91 -11.84
C PRO B 91 -0.19 13.55 -10.45
N LEU B 92 -1.03 13.64 -9.41
CA LEU B 92 -0.58 13.24 -8.08
C LEU B 92 -0.56 11.73 -7.95
N PHE B 93 -1.65 11.04 -8.34
CA PHE B 93 -1.63 9.59 -8.33
C PHE B 93 -0.50 9.05 -9.19
N GLU B 94 -0.41 9.54 -10.43
CA GLU B 94 0.62 9.06 -11.35
C GLU B 94 2.01 9.43 -10.86
N GLY B 95 2.15 10.61 -10.25
CA GLY B 95 3.46 11.02 -9.79
C GLY B 95 3.95 10.20 -8.61
N VAL B 96 3.04 9.82 -7.71
CA VAL B 96 3.42 9.00 -6.56
C VAL B 96 3.61 7.54 -6.98
N GLN B 97 2.66 6.99 -7.74
CA GLN B 97 2.58 5.55 -7.95
C GLN B 97 3.06 5.07 -9.31
N LYS B 98 2.97 5.89 -10.35
CA LYS B 98 3.28 5.46 -11.71
C LYS B 98 4.64 5.97 -12.16
N THR B 99 4.76 7.28 -12.43
CA THR B 99 6.04 7.84 -12.84
C THR B 99 7.03 7.92 -11.68
N GLN B 100 6.52 7.96 -10.44
CA GLN B 100 7.36 8.01 -9.24
C GLN B 100 8.30 9.20 -9.29
N THR B 101 7.73 10.36 -9.63
CA THR B 101 8.41 11.64 -9.64
C THR B 101 7.99 12.52 -8.49
N ILE B 102 7.09 12.04 -7.64
CA ILE B 102 6.74 12.73 -6.41
C ILE B 102 7.46 12.02 -5.28
N ARG B 103 8.57 12.60 -4.82
CA ARG B 103 9.39 12.01 -3.79
C ARG B 103 9.49 12.87 -2.55
N SER B 104 9.02 14.12 -2.61
CA SER B 104 9.12 15.06 -1.51
C SER B 104 8.13 16.20 -1.78
N ALA B 105 8.03 17.10 -0.81
CA ALA B 105 7.04 18.18 -0.88
C ALA B 105 7.25 19.07 -2.10
N SER B 106 8.51 19.27 -2.51
CA SER B 106 8.78 20.14 -3.65
C SER B 106 8.18 19.60 -4.94
N ASP B 107 8.23 18.27 -5.12
CA ASP B 107 7.68 17.65 -6.32
C ASP B 107 6.17 17.82 -6.37
N ILE B 108 5.51 17.86 -5.21
CA ILE B 108 4.08 18.14 -5.15
C ILE B 108 3.78 19.52 -5.69
N ARG B 109 4.48 20.53 -5.17
CA ARG B 109 4.35 21.89 -5.65
C ARG B 109 4.51 21.98 -7.16
N ASP B 110 5.46 21.22 -7.71
CA ASP B 110 5.70 21.26 -9.16
C ASP B 110 4.47 20.80 -9.93
N VAL B 111 3.71 19.85 -9.37
CA VAL B 111 2.49 19.38 -10.02
C VAL B 111 1.49 20.52 -10.18
N PHE B 112 1.30 21.30 -9.11
CA PHE B 112 0.37 22.42 -9.19
C PHE B 112 0.86 23.49 -10.16
N ILE B 113 2.15 23.79 -10.12
CA ILE B 113 2.72 24.78 -11.03
C ILE B 113 2.59 24.30 -12.46
N ASN B 114 2.86 23.02 -12.70
CA ASN B 114 2.72 22.44 -14.03
C ASN B 114 1.27 22.44 -14.50
N ALA B 115 0.31 22.44 -13.58
CA ALA B 115 -1.11 22.53 -13.95
C ALA B 115 -1.58 23.96 -14.16
N GLY B 116 -0.72 24.95 -13.95
CA GLY B 116 -1.07 26.34 -14.21
C GLY B 116 -1.26 27.20 -12.98
N ILE B 117 -1.19 26.65 -11.77
CA ILE B 117 -1.25 27.48 -10.58
C ILE B 117 0.09 28.17 -10.41
N LYS B 118 0.06 29.50 -10.23
CA LYS B 118 1.29 30.24 -10.02
C LYS B 118 1.93 29.78 -8.71
N GLY B 119 3.26 29.71 -8.70
CA GLY B 119 3.96 29.21 -7.52
C GLY B 119 3.67 30.03 -6.28
N GLU B 120 3.64 31.36 -6.42
CA GLU B 120 3.38 32.23 -5.28
C GLU B 120 1.99 32.00 -4.70
N GLU B 121 1.01 31.69 -5.56
CA GLU B 121 -0.35 31.44 -5.09
C GLU B 121 -0.46 30.09 -4.39
N TYR B 122 0.21 29.07 -4.93
CA TYR B 122 0.28 27.79 -4.23
C TYR B 122 0.91 27.95 -2.84
N ASP B 123 1.96 28.77 -2.75
CA ASP B 123 2.64 28.93 -1.47
C ASP B 123 1.79 29.72 -0.48
N ALA B 124 1.06 30.72 -0.97
CA ALA B 124 0.16 31.45 -0.08
C ALA B 124 -0.95 30.54 0.42
N ALA B 125 -1.51 29.72 -0.46
CA ALA B 125 -2.51 28.77 -0.03
C ALA B 125 -1.93 27.78 0.98
N TRP B 126 -0.76 27.21 0.67
CA TRP B 126 -0.12 26.24 1.55
C TRP B 126 -0.06 26.75 2.99
N ASN B 127 0.27 28.04 3.18
CA ASN B 127 0.48 28.63 4.49
C ASN B 127 -0.73 29.44 4.96
N SER B 128 -1.93 29.05 4.58
CA SER B 128 -3.12 29.83 4.90
C SER B 128 -3.92 29.17 6.02
N PHE B 129 -4.73 29.98 6.70
CA PHE B 129 -5.61 29.46 7.74
C PHE B 129 -6.65 28.52 7.16
N VAL B 130 -7.07 28.76 5.92
CA VAL B 130 -8.02 27.85 5.27
C VAL B 130 -7.43 26.46 5.17
N VAL B 131 -6.19 26.35 4.70
CA VAL B 131 -5.54 25.05 4.57
C VAL B 131 -5.15 24.50 5.92
N LYS B 132 -4.79 25.37 6.87
CA LYS B 132 -4.53 24.91 8.23
C LYS B 132 -5.79 24.34 8.86
N SER B 133 -6.94 24.97 8.63
CA SER B 133 -8.19 24.44 9.12
C SER B 133 -8.61 23.19 8.35
N LEU B 134 -8.26 23.11 7.07
CA LEU B 134 -8.68 21.96 6.27
C LEU B 134 -7.89 20.70 6.64
N VAL B 135 -6.60 20.84 6.94
CA VAL B 135 -5.84 19.65 7.35
C VAL B 135 -6.34 19.17 8.70
N ALA B 136 -6.82 20.09 9.55
CA ALA B 136 -7.36 19.68 10.85
C ALA B 136 -8.66 18.89 10.67
N GLN B 137 -9.55 19.36 9.78
CA GLN B 137 -10.80 18.65 9.55
C GLN B 137 -10.54 17.27 8.95
N GLN B 138 -9.58 17.16 8.03
CA GLN B 138 -9.25 15.88 7.44
C GLN B 138 -8.76 14.90 8.51
N GLU B 139 -7.97 15.40 9.47
CA GLU B 139 -7.49 14.54 10.54
C GLU B 139 -8.62 14.19 11.50
N LYS B 140 -9.43 15.18 11.87
CA LYS B 140 -10.51 14.94 12.83
C LYS B 140 -11.51 13.94 12.27
N ALA B 141 -11.85 14.07 10.98
CA ALA B 141 -12.80 13.13 10.38
C ALA B 141 -12.31 11.70 10.47
N ALA B 142 -11.03 11.47 10.14
CA ALA B 142 -10.47 10.13 10.24
C ALA B 142 -10.45 9.64 11.68
N ALA B 143 -10.04 10.51 12.61
CA ALA B 143 -9.99 10.13 14.01
C ALA B 143 -11.37 9.80 14.55
N ASP B 144 -12.41 10.45 14.03
CA ASP B 144 -13.75 10.26 14.56
C ASP B 144 -14.24 8.83 14.37
N VAL B 145 -13.99 8.25 13.19
CA VAL B 145 -14.39 6.89 12.91
C VAL B 145 -13.23 5.90 13.15
N GLN B 146 -12.05 6.40 13.49
CA GLN B 146 -10.86 5.58 13.67
C GLN B 146 -10.66 4.68 12.45
N LEU B 147 -10.28 5.34 11.36
CA LEU B 147 -10.31 4.79 10.02
C LEU B 147 -9.60 3.44 9.92
N ARG B 148 -8.28 3.43 10.09
CA ARG B 148 -7.40 2.27 10.00
C ARG B 148 -7.21 1.76 8.57
N GLY B 149 -7.76 2.41 7.55
CA GLY B 149 -7.56 1.93 6.19
C GLY B 149 -8.31 2.69 5.11
N VAL B 150 -7.77 2.65 3.89
CA VAL B 150 -8.40 3.26 2.72
C VAL B 150 -8.32 2.27 1.57
N PRO B 151 -9.23 2.41 0.59
CA PRO B 151 -10.37 3.32 0.50
C PRO B 151 -11.43 3.08 1.57
N ALA B 152 -12.27 4.08 1.79
CA ALA B 152 -13.35 4.03 2.77
C ALA B 152 -14.40 5.06 2.39
N MET B 153 -15.66 4.74 2.66
CA MET B 153 -16.78 5.63 2.34
C MET B 153 -17.79 5.56 3.48
N PHE B 154 -18.28 6.73 3.90
CA PHE B 154 -19.13 6.83 5.09
C PHE B 154 -20.29 7.76 4.82
N VAL B 155 -21.50 7.26 5.07
CA VAL B 155 -22.74 8.00 4.83
C VAL B 155 -23.29 8.43 6.18
N ASN B 156 -23.42 9.74 6.36
CA ASN B 156 -24.04 10.34 7.55
C ASN B 156 -23.37 9.89 8.85
N GLY B 157 -22.11 9.46 8.77
CA GLY B 157 -21.37 9.10 9.95
C GLY B 157 -21.88 7.90 10.70
N LYS B 158 -22.79 7.13 10.10
CA LYS B 158 -23.35 5.96 10.75
C LYS B 158 -23.07 4.65 10.03
N TYR B 159 -22.81 4.68 8.72
CA TYR B 159 -22.67 3.46 7.94
C TYR B 159 -21.37 3.47 7.17
N GLN B 160 -20.85 2.28 6.91
CA GLN B 160 -19.56 2.09 6.26
C GLN B 160 -19.71 1.06 5.15
N LEU B 161 -19.32 1.45 3.93
CA LEU B 161 -19.46 0.55 2.80
C LEU B 161 -18.60 -0.69 2.99
N ASN B 162 -19.09 -1.84 2.51
CA ASN B 162 -18.41 -3.11 2.67
C ASN B 162 -18.26 -3.79 1.31
N PRO B 163 -17.31 -3.34 0.50
CA PRO B 163 -17.13 -3.95 -0.83
C PRO B 163 -16.70 -5.40 -0.78
N GLN B 164 -16.20 -5.88 0.36
CA GLN B 164 -15.74 -7.26 0.45
C GLN B 164 -16.89 -8.26 0.33
N GLY B 165 -18.10 -7.86 0.70
CA GLY B 165 -19.27 -8.71 0.60
C GLY B 165 -20.11 -8.50 -0.64
N MET B 166 -19.62 -7.72 -1.60
CA MET B 166 -20.32 -7.47 -2.85
C MET B 166 -19.80 -8.41 -3.94
N ASP B 167 -20.43 -8.35 -5.12
CA ASP B 167 -19.92 -9.07 -6.28
C ASP B 167 -18.50 -8.61 -6.58
N THR B 168 -17.54 -9.53 -6.47
CA THR B 168 -16.15 -9.21 -6.74
C THR B 168 -15.68 -9.74 -8.09
N SER B 169 -16.56 -10.37 -8.86
CA SER B 169 -16.21 -10.94 -10.16
C SER B 169 -16.54 -9.99 -11.31
N ASN B 170 -17.77 -9.49 -11.36
CA ASN B 170 -18.20 -8.56 -12.40
C ASN B 170 -18.00 -7.14 -11.88
N MET B 171 -17.06 -6.41 -12.49
CA MET B 171 -16.74 -5.08 -11.97
C MET B 171 -17.85 -4.08 -12.27
N ASP B 172 -18.48 -4.18 -13.44
CA ASP B 172 -19.58 -3.29 -13.76
C ASP B 172 -20.71 -3.44 -12.74
N VAL B 173 -21.03 -4.68 -12.37
CA VAL B 173 -22.06 -4.93 -11.37
C VAL B 173 -21.59 -4.46 -10.00
N PHE B 174 -20.33 -4.75 -9.66
CA PHE B 174 -19.76 -4.29 -8.39
C PHE B 174 -19.89 -2.79 -8.21
N VAL B 175 -19.53 -2.01 -9.24
CA VAL B 175 -19.55 -0.56 -9.14
C VAL B 175 -20.96 -0.07 -8.86
N GLN B 176 -21.93 -0.52 -9.66
CA GLN B 176 -23.32 -0.12 -9.42
C GLN B 176 -23.85 -0.66 -8.10
N GLN B 177 -23.40 -1.84 -7.68
CA GLN B 177 -23.78 -2.33 -6.36
C GLN B 177 -23.28 -1.37 -5.28
N TYR B 178 -22.03 -0.94 -5.39
CA TYR B 178 -21.48 0.06 -4.47
C TYR B 178 -22.29 1.35 -4.52
N ALA B 179 -22.48 1.91 -5.72
CA ALA B 179 -23.21 3.16 -5.86
C ALA B 179 -24.63 3.05 -5.31
N ASP B 180 -25.33 1.95 -5.63
CA ASP B 180 -26.69 1.75 -5.15
C ASP B 180 -26.73 1.62 -3.62
N THR B 181 -25.70 1.01 -3.03
CA THR B 181 -25.66 0.89 -1.57
C THR B 181 -25.54 2.27 -0.93
N VAL B 182 -24.63 3.11 -1.43
CA VAL B 182 -24.51 4.48 -0.95
C VAL B 182 -25.86 5.18 -1.03
N LYS B 183 -26.51 5.10 -2.20
CA LYS B 183 -27.83 5.71 -2.37
C LYS B 183 -28.84 5.11 -1.40
N TYR B 184 -28.75 3.80 -1.16
CA TYR B 184 -29.68 3.14 -0.24
C TYR B 184 -29.50 3.65 1.18
N LEU B 185 -28.25 3.84 1.61
CA LEU B 185 -28.00 4.29 2.98
C LEU B 185 -28.39 5.74 3.17
N SER B 186 -28.11 6.59 2.18
CA SER B 186 -28.48 8.00 2.28
C SER B 186 -30.00 8.17 2.35
N GLU B 187 -30.76 7.26 1.75
CA GLU B 187 -32.22 7.27 1.82
C GLU B 187 -32.76 6.47 2.99
N LYS B 188 -32.01 6.39 4.10
CA LYS B 188 -32.49 5.71 5.29
C LYS B 188 -32.89 6.72 6.36
#